data_8HVQ
#
_entry.id   8HVQ
#
_cell.length_a   36.947
_cell.length_b   121.387
_cell.length_c   134.405
_cell.angle_alpha   90.00
_cell.angle_beta   90.00
_cell.angle_gamma   90.00
#
_symmetry.space_group_name_H-M   'P 21 21 21'
#
loop_
_entity.id
_entity.type
_entity.pdbx_description
1 polymer 'Cof-type HAD-IIB family hydrolase'
2 non-polymer DI(HYDROXYETHYL)ETHER
3 non-polymer 1,2-ETHANEDIOL
4 non-polymer 'OXAMIC ACID'
5 non-polymer 'FORMIC ACID'
6 water water
#
_entity_poly.entity_id   1
_entity_poly.type   'polypeptide(L)'
_entity_poly.pdbx_seq_one_letter_code
;MASIKAIFLDMDGTILHEDNTASGYTKEVIDQLRAKGYKVFLATGRSYAEINQLVPKGFTVDGIISSNGTSGEVKAHNIF
RHSLTQEAVNKIVQLAQQQHIYYEVFPFEGQRLALQQDESWMRGMVREEEPQNNVGISEWRSRKDALKGKINWVKTLPET
SYSKIYLFTTDLAQITQFRQSLIDQQLSLNISVSNSSRFNAETMAYGVDKGSGIAEMIAHFGIQQQETLVIGD
;
_entity_poly.pdbx_strand_id   A,B
#
loop_
_chem_comp.id
_chem_comp.type
_chem_comp.name
_chem_comp.formula
EDO non-polymer 1,2-ETHANEDIOL 'C2 H6 O2'
FMT non-polymer 'FORMIC ACID' 'C H2 O2'
OXM non-polymer 'OXAMIC ACID' 'C2 H3 N O3'
PEG non-polymer DI(HYDROXYETHYL)ETHER 'C4 H10 O3'
#
# COMPACT_ATOMS: atom_id res chain seq x y z
N SER A 3 30.73 36.42 -13.67
CA SER A 3 29.81 36.79 -12.56
C SER A 3 28.48 36.03 -12.70
N ILE A 4 27.99 35.56 -11.57
CA ILE A 4 26.89 34.63 -11.57
C ILE A 4 25.63 35.46 -11.39
N LYS A 5 24.64 35.26 -12.27
CA LYS A 5 23.34 35.91 -12.14
C LYS A 5 22.26 34.92 -11.76
N ALA A 6 22.47 33.64 -12.11
CA ALA A 6 21.49 32.60 -11.86
C ALA A 6 22.13 31.46 -11.07
N ILE A 7 21.37 30.95 -10.08
CA ILE A 7 21.71 29.80 -9.29
C ILE A 7 20.59 28.76 -9.43
N PHE A 8 20.95 27.54 -9.85
CA PHE A 8 20.01 26.42 -9.86
C PHE A 8 20.31 25.47 -8.71
N LEU A 9 19.30 25.14 -7.89
CA LEU A 9 19.47 24.12 -6.86
C LEU A 9 18.73 22.86 -7.31
N ASP A 10 19.52 21.79 -7.48
CA ASP A 10 18.99 20.51 -7.87
C ASP A 10 18.68 19.72 -6.59
N MET A 11 17.43 19.31 -6.45
CA MET A 11 17.02 18.54 -5.28
C MET A 11 15.73 17.77 -5.59
N ASP A 12 15.46 16.79 -4.74
CA ASP A 12 14.25 15.98 -4.85
C ASP A 12 13.12 16.56 -4.01
N GLY A 13 13.39 17.63 -3.24
CA GLY A 13 12.36 18.40 -2.56
C GLY A 13 12.28 18.12 -1.06
N THR A 14 12.68 16.92 -0.63
CA THR A 14 12.36 16.45 0.72
C THR A 14 13.05 17.32 1.79
N ILE A 15 14.20 17.93 1.45
CA ILE A 15 14.89 18.86 2.33
C ILE A 15 13.96 20.00 2.77
N LEU A 16 12.98 20.31 1.92
CA LEU A 16 11.97 21.31 2.22
C LEU A 16 10.66 20.60 2.56
N HIS A 17 10.52 20.13 3.80
CA HIS A 17 9.26 19.53 4.22
C HIS A 17 8.96 19.92 5.66
N ASP A 19 8.51 19.92 8.55
CA ASP A 19 8.93 19.05 9.64
C ASP A 19 10.46 19.00 9.70
N ASN A 20 11.09 18.95 8.54
CA ASN A 20 12.54 19.07 8.44
C ASN A 20 12.94 20.47 8.92
N THR A 21 13.70 20.53 10.01
CA THR A 21 14.09 21.81 10.58
C THR A 21 15.14 22.48 9.70
N ALA A 22 15.46 21.88 8.53
CA ALA A 22 16.34 22.47 7.52
C ALA A 22 15.55 23.19 6.44
N SER A 23 14.27 22.82 6.30
CA SER A 23 13.34 23.48 5.39
C SER A 23 13.45 25.00 5.52
N GLY A 24 13.43 25.49 6.76
CA GLY A 24 13.41 26.92 7.04
C GLY A 24 14.72 27.60 6.61
N TYR A 25 15.86 26.96 6.90
CA TYR A 25 17.16 27.51 6.56
C TYR A 25 17.26 27.64 5.05
N THR A 26 16.81 26.61 4.33
CA THR A 26 16.93 26.58 2.88
C THR A 26 16.06 27.67 2.26
N LYS A 27 14.83 27.79 2.74
CA LYS A 27 13.96 28.86 2.29
C LYS A 27 14.63 30.20 2.56
N GLU A 28 15.19 30.38 3.77
CA GLU A 28 15.80 31.63 4.18
C GLU A 28 16.99 31.98 3.30
N VAL A 29 17.81 30.98 3.01
CA VAL A 29 18.97 31.22 2.16
C VAL A 29 18.52 31.65 0.77
N ILE A 30 17.44 31.03 0.26
CA ILE A 30 16.97 31.38 -1.07
C ILE A 30 16.44 32.82 -1.05
N ASP A 31 15.66 33.19 -0.03
CA ASP A 31 15.17 34.56 0.10
C ASP A 31 16.33 35.57 0.08
N GLN A 32 17.40 35.29 0.85
CA GLN A 32 18.54 36.18 0.94
C GLN A 32 19.21 36.34 -0.43
N LEU A 33 19.48 35.22 -1.10
CA LEU A 33 20.11 35.26 -2.41
C LEU A 33 19.25 36.06 -3.37
N ARG A 34 17.93 35.83 -3.32
CA ARG A 34 17.05 36.55 -4.22
C ARG A 34 17.05 38.03 -3.85
N ALA A 35 17.03 38.34 -2.55
CA ALA A 35 17.07 39.73 -2.13
C ALA A 35 18.37 40.39 -2.59
N LYS A 36 19.48 39.63 -2.69
CA LYS A 36 20.74 40.17 -3.13
C LYS A 36 20.81 40.31 -4.64
N GLY A 37 19.79 39.83 -5.36
CA GLY A 37 19.70 40.12 -6.78
C GLY A 37 19.93 38.92 -7.68
N TYR A 38 20.29 37.78 -7.11
CA TYR A 38 20.36 36.54 -7.87
C TYR A 38 18.97 36.04 -8.26
N LYS A 39 18.88 35.46 -9.47
CA LYS A 39 17.74 34.64 -9.84
C LYS A 39 18.03 33.22 -9.37
N VAL A 40 17.09 32.66 -8.62
CA VAL A 40 17.29 31.35 -8.03
C VAL A 40 16.21 30.43 -8.56
N PHE A 41 16.64 29.25 -9.01
CA PHE A 41 15.75 28.29 -9.67
C PHE A 41 15.87 26.94 -8.95
N LEU A 42 14.78 26.18 -8.91
CA LEU A 42 14.89 24.75 -8.61
C LEU A 42 14.96 23.93 -9.88
N ALA A 43 15.71 22.83 -9.81
CA ALA A 43 15.63 21.76 -10.78
C ALA A 43 15.32 20.47 -10.03
N THR A 44 14.34 19.72 -10.53
N THR A 44 14.42 19.68 -10.59
CA THR A 44 13.93 18.51 -9.84
CA THR A 44 13.95 18.51 -9.87
C THR A 44 13.47 17.46 -10.84
C THR A 44 13.45 17.45 -10.84
N GLY A 45 13.53 16.20 -10.38
CA GLY A 45 12.98 15.08 -11.10
C GLY A 45 11.49 14.89 -10.78
N ARG A 46 11.04 15.50 -9.68
CA ARG A 46 9.63 15.41 -9.28
C ARG A 46 8.82 16.30 -10.23
N SER A 47 7.51 16.11 -10.27
CA SER A 47 6.64 16.97 -11.07
C SER A 47 6.44 18.33 -10.37
N TYR A 48 5.96 19.31 -11.16
CA TYR A 48 5.73 20.65 -10.63
C TYR A 48 4.75 20.57 -9.45
N ALA A 49 3.68 19.78 -9.63
CA ALA A 49 2.67 19.63 -8.57
C ALA A 49 3.26 19.02 -7.29
N GLU A 50 4.11 17.98 -7.41
CA GLU A 50 4.70 17.35 -6.23
C GLU A 50 5.59 18.33 -5.48
N ILE A 51 6.42 19.04 -6.24
CA ILE A 51 7.45 19.87 -5.64
C ILE A 51 6.78 21.05 -4.95
N ASN A 52 5.71 21.55 -5.57
CA ASN A 52 4.88 22.58 -4.99
C ASN A 52 4.20 22.19 -3.68
N GLN A 53 3.86 20.92 -3.50
CA GLN A 53 3.16 20.64 -2.26
C GLN A 53 4.15 20.26 -1.16
N LEU A 54 5.42 20.03 -1.52
CA LEU A 54 6.45 19.67 -0.55
C LEU A 54 7.04 20.91 0.11
N VAL A 55 7.13 22.01 -0.64
CA VAL A 55 7.84 23.19 -0.17
C VAL A 55 7.04 23.86 0.95
N PRO A 56 7.68 24.53 1.93
CA PRO A 56 6.96 25.25 2.96
C PRO A 56 6.29 26.48 2.35
N LYS A 57 5.35 27.03 3.12
CA LYS A 57 4.56 28.16 2.68
C LYS A 57 5.46 29.39 2.59
N GLY A 58 5.24 30.20 1.55
CA GLY A 58 6.01 31.42 1.31
C GLY A 58 7.29 31.17 0.52
N PHE A 59 7.61 29.88 0.30
CA PHE A 59 8.78 29.50 -0.46
C PHE A 59 8.61 30.01 -1.90
N THR A 60 9.65 30.67 -2.42
CA THR A 60 9.56 31.33 -3.70
C THR A 60 10.88 31.25 -4.45
N VAL A 61 10.79 30.87 -5.74
CA VAL A 61 11.92 30.91 -6.66
C VAL A 61 11.45 31.62 -7.93
N ASP A 62 12.43 32.04 -8.72
CA ASP A 62 12.19 32.73 -9.98
C ASP A 62 11.63 31.80 -11.04
N GLY A 63 11.90 30.50 -10.90
CA GLY A 63 11.33 29.48 -11.76
C GLY A 63 11.65 28.08 -11.24
N ILE A 64 11.02 27.11 -11.87
CA ILE A 64 11.27 25.71 -11.58
C ILE A 64 11.34 24.93 -12.89
N ILE A 65 12.37 24.09 -13.03
CA ILE A 65 12.33 23.06 -14.05
C ILE A 65 12.09 21.76 -13.30
N SER A 66 11.12 21.01 -13.81
CA SER A 66 10.62 19.83 -13.14
C SER A 66 10.56 18.68 -14.15
N SER A 67 10.15 17.50 -13.67
CA SER A 67 10.07 16.31 -14.51
C SER A 67 11.35 16.18 -15.35
N ASN A 68 12.52 16.38 -14.69
CA ASN A 68 13.82 16.05 -15.26
C ASN A 68 14.13 16.91 -16.46
N GLY A 69 13.67 18.16 -16.41
CA GLY A 69 13.96 19.12 -17.49
C GLY A 69 12.86 19.22 -18.54
N THR A 70 11.81 18.38 -18.40
CA THR A 70 10.78 18.33 -19.42
C THR A 70 9.70 19.39 -19.23
N SER A 71 9.66 20.03 -18.05
CA SER A 71 8.69 21.09 -17.78
C SER A 71 9.40 22.28 -17.15
N GLY A 72 8.98 23.48 -17.60
CA GLY A 72 9.44 24.72 -17.02
C GLY A 72 8.29 25.63 -16.62
N GLU A 73 8.38 26.18 -15.40
CA GLU A 73 7.34 27.03 -14.84
C GLU A 73 7.94 28.32 -14.28
N VAL A 74 7.25 29.43 -14.57
CA VAL A 74 7.59 30.76 -14.12
C VAL A 74 6.30 31.47 -13.76
N LYS A 75 6.19 31.94 -12.50
N LYS A 75 6.19 31.95 -12.51
CA LYS A 75 5.00 32.59 -11.98
CA LYS A 75 4.99 32.62 -12.01
C LYS A 75 3.74 31.76 -12.24
C LYS A 75 3.74 31.76 -12.25
N ALA A 76 3.86 30.45 -11.99
CA ALA A 76 2.76 29.50 -12.05
C ALA A 76 2.24 29.32 -13.47
N HIS A 77 3.02 29.76 -14.48
CA HIS A 77 2.67 29.53 -15.87
C HIS A 77 3.71 28.63 -16.50
N ASN A 78 3.26 27.76 -17.39
CA ASN A 78 4.17 26.86 -18.06
C ASN A 78 4.84 27.58 -19.23
N ILE A 79 6.19 27.47 -19.30
CA ILE A 79 6.95 28.06 -20.39
C ILE A 79 7.44 27.03 -21.39
N PHE A 80 7.48 25.73 -21.04
CA PHE A 80 7.71 24.63 -21.96
C PHE A 80 7.27 23.36 -21.25
N ARG A 81 6.79 22.43 -22.06
CA ARG A 81 6.29 21.15 -21.58
C ARG A 81 6.58 20.14 -22.68
N HIS A 82 7.71 19.42 -22.57
CA HIS A 82 8.16 18.60 -23.69
C HIS A 82 7.70 17.17 -23.48
N SER A 83 6.81 16.71 -24.36
CA SER A 83 6.10 15.44 -24.21
C SER A 83 6.67 14.42 -25.18
N LEU A 84 6.62 13.15 -24.84
CA LEU A 84 6.75 12.12 -25.85
C LEU A 84 5.53 12.21 -26.77
N THR A 85 5.63 11.61 -27.94
CA THR A 85 4.46 11.38 -28.75
C THR A 85 3.60 10.28 -28.12
N GLN A 86 2.29 10.34 -28.39
CA GLN A 86 1.40 9.26 -28.01
C GLN A 86 1.87 7.98 -28.70
N GLU A 87 2.34 8.09 -29.92
CA GLU A 87 2.72 6.92 -30.70
C GLU A 87 3.95 6.25 -30.06
N ALA A 88 4.89 7.05 -29.55
CA ALA A 88 6.09 6.53 -28.91
C ALA A 88 5.77 5.83 -27.60
N VAL A 89 4.90 6.47 -26.83
CA VAL A 89 4.46 5.90 -25.56
C VAL A 89 3.83 4.55 -25.84
N ASN A 90 2.92 4.46 -26.81
CA ASN A 90 2.23 3.20 -27.06
C ASN A 90 3.22 2.12 -27.49
N LYS A 91 4.17 2.51 -28.36
CA LYS A 91 5.15 1.57 -28.87
C LYS A 91 6.08 1.07 -27.75
N ILE A 92 6.61 1.96 -26.92
CA ILE A 92 7.53 1.55 -25.85
C ILE A 92 6.82 0.64 -24.84
N VAL A 93 5.56 0.94 -24.55
CA VAL A 93 4.81 0.13 -23.59
C VAL A 93 4.57 -1.27 -24.16
N GLN A 94 4.18 -1.34 -25.44
N GLN A 94 4.18 -1.35 -25.44
CA GLN A 94 3.94 -2.60 -26.11
CA GLN A 94 3.95 -2.64 -26.08
C GLN A 94 5.21 -3.47 -26.06
C GLN A 94 5.21 -3.49 -26.06
N LEU A 95 6.35 -2.89 -26.42
CA LEU A 95 7.61 -3.63 -26.39
C LEU A 95 7.94 -4.08 -24.96
N ALA A 96 7.73 -3.20 -23.99
CA ALA A 96 8.04 -3.54 -22.60
C ALA A 96 7.15 -4.70 -22.14
N GLN A 97 5.87 -4.66 -22.50
CA GLN A 97 4.93 -5.69 -22.06
C GLN A 97 5.31 -7.04 -22.63
N GLN A 98 5.74 -7.01 -23.89
CA GLN A 98 6.04 -8.21 -24.63
C GLN A 98 7.24 -8.88 -23.99
N GLN A 99 8.11 -8.09 -23.37
CA GLN A 99 9.36 -8.60 -22.84
C GLN A 99 9.39 -8.66 -21.31
N HIS A 100 8.23 -8.40 -20.68
CA HIS A 100 8.13 -8.34 -19.23
C HIS A 100 9.20 -7.44 -18.62
N ILE A 101 9.32 -6.24 -19.21
CA ILE A 101 10.08 -5.17 -18.64
C ILE A 101 9.14 -4.27 -17.84
N TYR A 102 9.39 -4.25 -16.54
CA TYR A 102 8.63 -3.39 -15.65
C TYR A 102 8.68 -1.95 -16.16
N TYR A 103 7.52 -1.28 -16.19
CA TYR A 103 7.48 0.10 -16.69
C TYR A 103 6.54 0.97 -15.83
N GLU A 104 6.90 2.27 -15.73
CA GLU A 104 6.11 3.33 -15.18
C GLU A 104 6.05 4.47 -16.19
N VAL A 105 4.85 4.89 -16.57
CA VAL A 105 4.65 5.96 -17.54
C VAL A 105 4.28 7.20 -16.74
N PHE A 106 5.01 8.28 -16.94
CA PHE A 106 4.86 9.49 -16.13
C PHE A 106 4.14 10.59 -16.90
N PRO A 107 2.89 10.92 -16.55
CA PRO A 107 2.22 12.10 -17.11
C PRO A 107 2.78 13.34 -16.42
N PHE A 108 2.48 14.54 -16.91
CA PHE A 108 2.95 15.76 -16.26
C PHE A 108 2.10 16.12 -15.04
N GLU A 109 0.87 15.56 -14.99
CA GLU A 109 -0.04 15.75 -13.87
C GLU A 109 -0.60 14.40 -13.48
N GLY A 110 -0.65 14.15 -12.17
CA GLY A 110 -1.19 12.89 -11.72
C GLY A 110 -0.12 11.83 -11.53
N GLN A 111 -0.58 10.68 -11.08
CA GLN A 111 0.29 9.58 -10.73
C GLN A 111 0.90 8.94 -11.96
N ARG A 112 2.12 8.41 -11.75
CA ARG A 112 2.67 7.54 -12.77
C ARG A 112 1.71 6.36 -12.93
N LEU A 113 1.73 5.76 -14.12
CA LEU A 113 0.76 4.75 -14.46
C LEU A 113 1.33 3.52 -15.16
N ALA A 114 0.61 2.40 -15.04
CA ALA A 114 0.89 1.18 -15.79
C ALA A 114 -0.42 0.42 -15.96
N LEU A 115 -0.44 -0.53 -16.91
CA LEU A 115 -1.69 -1.23 -17.27
C LEU A 115 -2.00 -2.33 -16.29
N GLN A 116 -3.29 -2.45 -15.96
N GLN A 116 -3.29 -2.48 -15.98
CA GLN A 116 -3.77 -3.49 -15.06
CA GLN A 116 -3.68 -3.50 -15.01
C GLN A 116 -3.36 -4.89 -15.53
C GLN A 116 -3.32 -4.90 -15.52
N GLN A 117 -3.32 -5.11 -16.85
CA GLN A 117 -2.99 -6.43 -17.41
C GLN A 117 -1.54 -6.84 -17.11
N ASP A 118 -0.72 -5.88 -16.68
CA ASP A 118 0.68 -6.14 -16.40
C ASP A 118 0.97 -6.15 -14.91
N GLU A 119 -0.04 -5.87 -14.08
CA GLU A 119 0.15 -5.78 -12.64
C GLU A 119 0.70 -7.07 -12.04
N SER A 120 0.23 -8.23 -12.53
CA SER A 120 0.62 -9.52 -11.99
CA SER A 120 0.62 -9.52 -11.99
C SER A 120 2.12 -9.72 -12.09
N TRP A 121 2.70 -9.54 -13.30
CA TRP A 121 4.12 -9.84 -13.44
C TRP A 121 5.01 -8.69 -12.94
N MET A 122 4.50 -7.44 -12.92
CA MET A 122 5.23 -6.35 -12.31
C MET A 122 5.34 -6.56 -10.80
N ARG A 123 4.26 -6.90 -10.16
CA ARG A 123 4.36 -7.09 -8.72
C ARG A 123 5.18 -8.33 -8.38
N GLY A 124 5.03 -9.37 -9.21
CA GLY A 124 5.77 -10.60 -8.98
C GLY A 124 7.27 -10.38 -9.07
N MET A 125 7.69 -9.47 -9.96
CA MET A 125 9.10 -9.31 -10.23
C MET A 125 9.82 -8.81 -8.97
N VAL A 126 9.16 -7.98 -8.16
CA VAL A 126 9.87 -7.44 -7.00
CA VAL A 126 9.76 -7.33 -7.02
C VAL A 126 9.18 -7.89 -5.72
N ARG A 127 8.64 -9.10 -5.73
CA ARG A 127 7.93 -9.53 -4.53
C ARG A 127 8.84 -9.76 -3.33
N GLU A 128 10.12 -10.09 -3.55
CA GLU A 128 10.99 -10.42 -2.43
C GLU A 128 11.36 -9.15 -1.68
N GLU A 129 11.46 -9.28 -0.36
CA GLU A 129 11.94 -8.16 0.43
C GLU A 129 13.43 -7.98 0.15
N GLU A 130 14.19 -9.08 0.04
CA GLU A 130 15.65 -9.00 -0.26
C GLU A 130 15.83 -8.53 -1.68
N PRO A 131 16.69 -7.55 -1.99
CA PRO A 131 16.97 -7.22 -3.37
C PRO A 131 17.45 -8.43 -4.14
N GLN A 132 17.09 -8.52 -5.41
CA GLN A 132 17.37 -9.68 -6.22
C GLN A 132 18.39 -9.34 -7.31
N ASN A 133 19.20 -10.33 -7.68
CA ASN A 133 20.01 -10.29 -8.91
C ASN A 133 20.95 -9.08 -9.00
N ASN A 134 21.50 -8.68 -7.84
CA ASN A 134 22.47 -7.59 -7.69
C ASN A 134 21.88 -6.19 -7.75
N VAL A 135 20.55 -6.07 -7.84
CA VAL A 135 19.93 -4.77 -7.86
C VAL A 135 20.25 -4.03 -6.57
N GLY A 136 20.55 -2.75 -6.68
CA GLY A 136 20.90 -1.95 -5.52
C GLY A 136 19.75 -1.81 -4.55
N ILE A 137 20.11 -1.59 -3.27
CA ILE A 137 19.13 -1.40 -2.20
C ILE A 137 18.17 -0.28 -2.57
N SER A 138 18.72 0.85 -2.98
CA SER A 138 17.91 2.04 -3.21
C SER A 138 16.82 1.79 -4.28
N GLU A 139 17.25 1.26 -5.44
CA GLU A 139 16.35 1.03 -6.55
C GLU A 139 15.31 -0.03 -6.19
N TRP A 140 15.71 -1.06 -5.45
CA TRP A 140 14.77 -2.06 -4.97
C TRP A 140 13.66 -1.44 -4.11
N ARG A 141 14.07 -0.64 -3.10
CA ARG A 141 13.15 0.04 -2.20
C ARG A 141 12.26 0.98 -3.03
N SER A 142 12.81 1.66 -4.05
CA SER A 142 12.01 2.54 -4.89
CA SER A 142 12.02 2.54 -4.90
C SER A 142 10.89 1.76 -5.58
N ARG A 143 11.22 0.59 -6.11
CA ARG A 143 10.23 -0.25 -6.78
C ARG A 143 9.17 -0.76 -5.79
N LYS A 144 9.62 -1.25 -4.64
CA LYS A 144 8.63 -1.68 -3.67
C LYS A 144 7.72 -0.52 -3.22
N ASP A 145 8.28 0.68 -3.02
CA ASP A 145 7.50 1.83 -2.63
C ASP A 145 6.48 2.22 -3.70
N ALA A 146 6.90 2.07 -4.96
CA ALA A 146 6.05 2.48 -6.07
C ALA A 146 4.85 1.56 -6.11
N LEU A 147 5.12 0.26 -5.95
CA LEU A 147 4.08 -0.74 -6.02
C LEU A 147 3.14 -0.61 -4.84
N LYS A 148 3.59 -0.04 -3.72
CA LYS A 148 2.77 0.00 -2.51
C LYS A 148 1.68 1.04 -2.71
N GLY A 149 1.96 2.17 -3.33
CA GLY A 149 0.83 3.04 -3.59
C GLY A 149 1.07 4.24 -4.49
N LYS A 150 2.02 4.19 -5.43
CA LYS A 150 2.32 5.35 -6.26
C LYS A 150 1.87 5.21 -7.71
N ILE A 151 1.46 4.02 -8.13
CA ILE A 151 1.07 3.71 -9.48
C ILE A 151 -0.46 3.71 -9.64
N ASN A 152 -0.94 4.40 -10.65
CA ASN A 152 -2.32 4.34 -11.11
C ASN A 152 -2.44 3.20 -12.12
N TRP A 153 -3.04 2.07 -11.75
CA TRP A 153 -3.20 0.93 -12.64
C TRP A 153 -4.44 1.18 -13.51
N VAL A 154 -4.25 1.33 -14.83
CA VAL A 154 -5.30 1.72 -15.77
C VAL A 154 -5.60 0.55 -16.70
N LYS A 155 -6.84 0.53 -17.21
CA LYS A 155 -7.26 -0.47 -18.15
C LYS A 155 -6.62 -0.22 -19.49
N THR A 156 -6.55 1.07 -19.87
CA THR A 156 -5.96 1.53 -21.10
C THR A 156 -5.18 2.80 -20.75
N LEU A 157 -4.12 3.09 -21.53
CA LEU A 157 -3.30 4.27 -21.27
C LEU A 157 -4.10 5.53 -21.60
N PRO A 158 -4.14 6.51 -20.68
CA PRO A 158 -4.78 7.79 -20.98
C PRO A 158 -4.08 8.49 -22.15
N GLU A 159 -4.85 9.26 -22.92
CA GLU A 159 -4.27 10.16 -23.91
C GLU A 159 -4.00 11.51 -23.23
N THR A 160 -2.75 11.72 -22.85
CA THR A 160 -2.35 12.91 -22.13
C THR A 160 -0.89 13.18 -22.48
N SER A 161 -0.37 14.36 -22.13
CA SER A 161 1.03 14.62 -22.32
C SER A 161 1.83 13.75 -21.33
N TYR A 162 2.93 13.18 -21.84
CA TYR A 162 3.79 12.29 -21.08
C TYR A 162 5.24 12.77 -21.08
N SER A 163 5.82 12.83 -19.87
CA SER A 163 7.15 13.32 -19.58
C SER A 163 8.21 12.24 -19.86
N LYS A 164 7.96 11.01 -19.41
CA LYS A 164 8.99 9.96 -19.47
C LYS A 164 8.39 8.59 -19.18
N ILE A 165 9.19 7.57 -19.53
CA ILE A 165 8.88 6.19 -19.20
C ILE A 165 10.14 5.67 -18.51
N TYR A 166 9.94 5.05 -17.34
CA TYR A 166 11.00 4.30 -16.63
C TYR A 166 10.81 2.81 -16.95
N LEU A 167 11.92 2.10 -17.18
CA LEU A 167 11.96 0.67 -17.52
C LEU A 167 12.94 -0.03 -16.58
N PHE A 168 12.55 -1.22 -16.11
CA PHE A 168 13.33 -1.94 -15.11
C PHE A 168 13.18 -3.44 -15.34
N THR A 169 14.25 -4.22 -15.08
CA THR A 169 14.03 -5.63 -14.79
C THR A 169 15.25 -6.17 -14.06
N THR A 170 15.01 -7.23 -13.30
CA THR A 170 16.08 -7.97 -12.64
C THR A 170 16.86 -8.86 -13.59
N ASP A 171 16.42 -9.01 -14.84
CA ASP A 171 17.12 -9.79 -15.84
C ASP A 171 18.08 -8.86 -16.59
N LEU A 172 19.35 -8.88 -16.20
CA LEU A 172 20.36 -7.96 -16.78
C LEU A 172 20.41 -8.03 -18.29
N ALA A 173 20.52 -9.23 -18.84
CA ALA A 173 20.65 -9.40 -20.28
C ALA A 173 19.46 -8.76 -20.96
N GLN A 174 18.27 -8.98 -20.41
CA GLN A 174 17.06 -8.46 -21.03
C GLN A 174 17.05 -6.93 -21.05
N ILE A 175 17.35 -6.24 -19.93
CA ILE A 175 17.33 -4.77 -19.92
C ILE A 175 18.48 -4.22 -20.76
N THR A 176 19.62 -4.91 -20.77
CA THR A 176 20.71 -4.45 -21.60
C THR A 176 20.23 -4.39 -23.05
N GLN A 177 19.65 -5.50 -23.51
CA GLN A 177 19.18 -5.56 -24.87
C GLN A 177 18.01 -4.60 -25.15
N PHE A 178 17.07 -4.49 -24.22
CA PHE A 178 15.93 -3.58 -24.38
C PHE A 178 16.38 -2.12 -24.45
N ARG A 179 17.32 -1.75 -23.55
CA ARG A 179 17.86 -0.41 -23.55
C ARG A 179 18.48 -0.14 -24.91
N GLN A 180 19.26 -1.11 -25.41
CA GLN A 180 19.91 -0.94 -26.71
C GLN A 180 18.87 -0.77 -27.82
N SER A 181 17.79 -1.55 -27.78
CA SER A 181 16.68 -1.49 -28.73
C SER A 181 16.07 -0.09 -28.77
N LEU A 182 15.91 0.56 -27.61
CA LEU A 182 15.38 1.92 -27.57
C LEU A 182 16.37 2.93 -28.17
N ILE A 183 17.66 2.76 -27.90
CA ILE A 183 18.70 3.59 -28.47
C ILE A 183 18.66 3.46 -29.99
N ASP A 184 18.53 2.21 -30.45
CA ASP A 184 18.51 1.88 -31.86
C ASP A 184 17.36 2.63 -32.55
N GLN A 185 16.29 2.90 -31.81
CA GLN A 185 15.10 3.58 -32.31
C GLN A 185 15.04 5.05 -31.89
N GLN A 186 16.13 5.61 -31.35
CA GLN A 186 16.20 6.97 -30.84
C GLN A 186 15.63 7.99 -31.86
N LEU A 187 16.02 7.89 -33.11
CA LEU A 187 15.64 8.87 -34.11
C LEU A 187 14.28 8.53 -34.70
N SER A 188 13.89 7.25 -34.79
CA SER A 188 12.57 6.92 -35.30
C SER A 188 11.47 7.31 -34.30
N LEU A 189 11.72 7.12 -33.01
CA LEU A 189 10.73 7.43 -31.99
C LEU A 189 10.88 8.85 -31.47
N ASN A 190 12.01 9.51 -31.75
CA ASN A 190 12.28 10.85 -31.27
C ASN A 190 12.41 10.93 -29.76
N ILE A 191 13.35 10.11 -29.24
CA ILE A 191 13.53 9.93 -27.81
C ILE A 191 15.03 10.02 -27.50
N SER A 192 15.33 10.47 -26.29
N SER A 192 15.27 10.47 -26.26
CA SER A 192 16.66 10.25 -25.76
CA SER A 192 16.54 10.35 -25.56
C SER A 192 16.53 9.23 -24.62
C SER A 192 16.46 9.17 -24.60
N VAL A 193 17.55 8.39 -24.50
CA VAL A 193 17.60 7.26 -23.60
C VAL A 193 18.68 7.55 -22.58
N SER A 194 18.31 7.45 -21.30
CA SER A 194 19.25 7.55 -20.21
C SER A 194 19.09 6.34 -19.30
N ASN A 195 20.01 6.19 -18.35
CA ASN A 195 19.88 5.15 -17.34
C ASN A 195 20.66 5.56 -16.09
N SER A 196 20.14 5.17 -14.90
CA SER A 196 20.76 5.46 -13.62
C SER A 196 21.32 4.20 -12.97
N SER A 197 21.01 3.02 -13.52
CA SER A 197 21.61 1.77 -13.05
C SER A 197 21.67 0.86 -14.26
N ARG A 198 22.39 -0.26 -14.16
CA ARG A 198 22.44 -1.22 -15.24
C ARG A 198 21.11 -2.00 -15.32
N PHE A 199 20.15 -1.77 -14.42
CA PHE A 199 18.89 -2.50 -14.45
C PHE A 199 17.77 -1.66 -15.06
N ASN A 200 18.06 -0.47 -15.54
CA ASN A 200 16.97 0.42 -15.92
C ASN A 200 17.27 1.22 -17.17
N ALA A 201 16.24 1.91 -17.64
CA ALA A 201 16.38 2.88 -18.69
C ALA A 201 15.24 3.87 -18.52
N GLU A 202 15.44 5.09 -19.02
CA GLU A 202 14.38 6.08 -19.09
C GLU A 202 14.34 6.72 -20.48
N THR A 203 13.12 6.97 -20.96
CA THR A 203 12.94 7.57 -22.27
C THR A 203 12.18 8.86 -22.09
N MET A 204 12.73 9.93 -22.72
CA MET A 204 12.14 11.27 -22.73
C MET A 204 12.22 11.80 -24.15
N ALA A 205 11.63 12.98 -24.41
CA ALA A 205 11.70 13.58 -25.74
C ALA A 205 13.14 13.77 -26.16
N TYR A 206 13.42 13.50 -27.42
CA TYR A 206 14.79 13.64 -27.95
C TYR A 206 15.42 14.99 -27.59
N GLY A 207 16.65 14.94 -27.04
CA GLY A 207 17.36 16.14 -26.74
C GLY A 207 17.03 16.86 -25.43
N VAL A 208 16.05 16.32 -24.71
CA VAL A 208 15.55 16.94 -23.51
C VAL A 208 16.11 16.27 -22.27
N ASP A 209 16.65 17.10 -21.37
CA ASP A 209 17.12 16.66 -20.06
C ASP A 209 17.24 17.86 -19.10
N LYS A 210 17.88 17.66 -17.94
CA LYS A 210 17.97 18.76 -16.99
C LYS A 210 18.74 19.92 -17.59
N GLY A 211 19.80 19.59 -18.35
CA GLY A 211 20.65 20.58 -18.97
C GLY A 211 19.90 21.44 -19.98
N SER A 212 19.04 20.81 -20.82
CA SER A 212 18.23 21.56 -21.77
C SER A 212 17.19 22.40 -21.03
N GLY A 213 16.68 21.91 -19.91
CA GLY A 213 15.71 22.70 -19.16
C GLY A 213 16.34 23.93 -18.55
N ILE A 214 17.55 23.77 -18.03
CA ILE A 214 18.31 24.87 -17.49
C ILE A 214 18.53 25.90 -18.57
N ALA A 215 18.90 25.42 -19.77
CA ALA A 215 19.24 26.33 -20.84
C ALA A 215 18.02 27.15 -21.24
N GLU A 216 16.86 26.48 -21.32
CA GLU A 216 15.62 27.17 -21.68
C GLU A 216 15.26 28.20 -20.62
N MET A 217 15.40 27.82 -19.35
CA MET A 217 14.99 28.69 -18.28
C MET A 217 15.89 29.94 -18.24
N ILE A 218 17.23 29.77 -18.31
CA ILE A 218 18.08 30.97 -18.30
C ILE A 218 17.83 31.82 -19.56
N ALA A 219 17.54 31.20 -20.72
CA ALA A 219 17.29 32.00 -21.91
C ALA A 219 16.02 32.83 -21.73
N HIS A 220 15.05 32.30 -20.98
CA HIS A 220 13.81 33.01 -20.68
C HIS A 220 14.13 34.31 -19.94
N PHE A 221 15.16 34.29 -19.07
CA PHE A 221 15.52 35.45 -18.26
C PHE A 221 16.69 36.23 -18.86
N GLY A 222 17.14 35.84 -20.05
CA GLY A 222 18.23 36.53 -20.72
C GLY A 222 19.56 36.41 -19.99
N ILE A 223 19.76 35.27 -19.30
CA ILE A 223 21.01 34.99 -18.63
C ILE A 223 21.77 33.91 -19.40
N GLN A 224 23.11 34.06 -19.47
CA GLN A 224 23.98 33.16 -20.22
C GLN A 224 24.42 31.96 -19.40
N GLN A 225 24.89 30.90 -20.06
CA GLN A 225 25.35 29.70 -19.36
C GLN A 225 26.49 30.05 -18.40
N GLN A 226 27.41 30.93 -18.80
CA GLN A 226 28.61 31.20 -18.01
C GLN A 226 28.25 32.11 -16.82
N GLU A 227 27.01 32.58 -16.80
CA GLU A 227 26.48 33.34 -15.68
C GLU A 227 25.62 32.47 -14.77
N THR A 228 25.63 31.16 -14.99
CA THR A 228 24.77 30.24 -14.24
C THR A 228 25.58 29.29 -13.38
N LEU A 229 25.19 29.17 -12.11
CA LEU A 229 25.81 28.18 -11.22
C LEU A 229 24.77 27.11 -10.90
N VAL A 230 25.18 25.84 -11.03
CA VAL A 230 24.31 24.69 -10.83
C VAL A 230 24.90 23.85 -9.71
N ILE A 231 24.16 23.68 -8.61
CA ILE A 231 24.63 22.92 -7.46
C ILE A 231 23.53 21.95 -6.99
N GLY A 232 23.93 20.89 -6.27
CA GLY A 232 22.97 19.93 -5.73
C GLY A 232 23.13 18.54 -6.36
N ASP A 233 22.06 17.73 -6.29
CA ASP A 233 21.95 16.44 -6.95
C ASP A 233 22.20 16.61 -8.45
N SER B 3 -27.72 -13.64 40.07
CA SER B 3 -26.86 -12.43 40.16
C SER B 3 -25.55 -12.64 39.40
N ILE B 4 -24.98 -11.52 38.95
CA ILE B 4 -23.95 -11.54 37.94
C ILE B 4 -22.60 -11.64 38.65
N LYS B 5 -21.74 -12.55 38.18
CA LYS B 5 -20.37 -12.67 38.67
C LYS B 5 -19.34 -12.31 37.59
N ALA B 6 -19.74 -12.43 36.32
CA ALA B 6 -18.85 -12.22 35.19
C ALA B 6 -19.51 -11.22 34.25
N ILE B 7 -18.70 -10.29 33.73
CA ILE B 7 -19.11 -9.33 32.73
C ILE B 7 -18.15 -9.45 31.56
N PHE B 8 -18.71 -9.68 30.37
CA PHE B 8 -17.92 -9.62 29.14
C PHE B 8 -18.19 -8.35 28.37
N LEU B 9 -17.12 -7.67 27.95
CA LEU B 9 -17.26 -6.50 27.10
C LEU B 9 -16.72 -6.87 25.72
N ASP B 10 -17.60 -6.79 24.73
CA ASP B 10 -17.22 -7.06 23.35
C ASP B 10 -16.87 -5.74 22.70
N MET B 11 -15.66 -5.65 22.14
CA MET B 11 -15.19 -4.44 21.48
C MET B 11 -14.03 -4.79 20.54
N ASP B 12 -13.74 -3.82 19.65
CA ASP B 12 -12.63 -3.96 18.71
C ASP B 12 -11.35 -3.32 19.25
N GLY B 13 -11.41 -2.73 20.46
CA GLY B 13 -10.24 -2.19 21.13
C GLY B 13 -10.05 -0.69 20.91
N THR B 14 -10.62 -0.15 19.83
CA THR B 14 -10.27 1.20 19.40
C THR B 14 -10.57 2.20 20.51
N ILE B 15 -11.60 1.92 21.33
CA ILE B 15 -12.03 2.83 22.39
C ILE B 15 -11.03 2.78 23.56
N LEU B 16 -10.06 1.86 23.46
CA LEU B 16 -8.92 1.84 24.35
C LEU B 16 -7.66 2.17 23.56
N HIS B 17 -7.33 3.46 23.48
CA HIS B 17 -6.07 3.90 22.90
C HIS B 17 -5.87 5.32 23.43
N ASP B 19 -4.99 7.86 22.74
CA ASP B 19 -5.55 8.83 21.80
C ASP B 19 -7.03 9.10 22.10
N ASN B 20 -7.83 8.02 22.18
CA ASN B 20 -9.22 8.12 22.57
C ASN B 20 -9.27 8.54 24.04
N THR B 21 -10.01 9.61 24.33
CA THR B 21 -10.08 10.20 25.67
C THR B 21 -10.99 9.37 26.58
N ALA B 22 -11.63 8.33 26.01
CA ALA B 22 -12.54 7.48 26.75
C ALA B 22 -11.83 6.21 27.27
N SER B 23 -10.63 5.93 26.75
CA SER B 23 -9.87 4.76 27.18
C SER B 23 -9.69 4.82 28.70
N GLY B 24 -9.31 6.00 29.19
CA GLY B 24 -9.16 6.26 30.61
C GLY B 24 -10.42 5.87 31.37
N TYR B 25 -11.59 6.33 30.90
CA TYR B 25 -12.84 6.10 31.59
C TYR B 25 -13.13 4.60 31.59
N THR B 26 -12.90 3.92 30.46
CA THR B 26 -13.21 2.51 30.33
C THR B 26 -12.31 1.68 31.25
N LYS B 27 -11.02 2.02 31.25
CA LYS B 27 -10.08 1.35 32.13
C LYS B 27 -10.51 1.55 33.59
N GLU B 28 -10.88 2.78 33.95
CA GLU B 28 -11.31 3.12 35.29
C GLU B 28 -12.57 2.33 35.68
N VAL B 29 -13.56 2.24 34.79
CA VAL B 29 -14.78 1.49 35.07
C VAL B 29 -14.46 0.01 35.30
N ILE B 30 -13.60 -0.57 34.44
CA ILE B 30 -13.25 -1.98 34.59
C ILE B 30 -12.55 -2.19 35.94
N ASP B 31 -11.63 -1.30 36.32
CA ASP B 31 -10.93 -1.41 37.60
C ASP B 31 -11.94 -1.40 38.75
N GLN B 32 -12.93 -0.52 38.66
CA GLN B 32 -13.96 -0.41 39.69
C GLN B 32 -14.78 -1.69 39.81
N LEU B 33 -15.27 -2.18 38.66
CA LEU B 33 -16.03 -3.42 38.63
C LEU B 33 -15.22 -4.56 39.26
N ARG B 34 -13.94 -4.62 38.91
CA ARG B 34 -13.10 -5.70 39.38
C ARG B 34 -12.87 -5.55 40.88
N ALA B 35 -12.66 -4.31 41.33
CA ALA B 35 -12.48 -4.04 42.75
C ALA B 35 -13.74 -4.42 43.51
N LYS B 36 -14.92 -4.31 42.89
CA LYS B 36 -16.17 -4.66 43.54
C LYS B 36 -16.42 -6.17 43.54
N GLY B 37 -15.59 -6.96 42.86
CA GLY B 37 -15.65 -8.40 42.95
C GLY B 37 -16.10 -9.08 41.68
N TYR B 38 -16.48 -8.31 40.66
CA TYR B 38 -16.82 -8.90 39.37
C TYR B 38 -15.57 -9.43 38.67
N LYS B 39 -15.73 -10.55 37.97
CA LYS B 39 -14.73 -10.96 36.98
C LYS B 39 -15.10 -10.27 35.68
N VAL B 40 -14.12 -9.59 35.10
CA VAL B 40 -14.39 -8.81 33.90
C VAL B 40 -13.50 -9.33 32.78
N PHE B 41 -14.12 -9.57 31.61
CA PHE B 41 -13.46 -10.18 30.46
C PHE B 41 -13.63 -9.29 29.23
N LEU B 42 -12.63 -9.26 28.33
CA LEU B 42 -12.85 -8.76 26.98
C LEU B 42 -13.14 -9.90 26.03
N ALA B 43 -14.02 -9.61 25.07
CA ALA B 43 -14.19 -10.45 23.90
C ALA B 43 -13.92 -9.58 22.68
N THR B 44 -13.15 -10.12 21.75
CA THR B 44 -12.79 -9.34 20.58
C THR B 44 -12.59 -10.23 19.36
N GLY B 45 -12.79 -9.63 18.19
CA GLY B 45 -12.43 -10.29 16.94
C GLY B 45 -10.95 -10.12 16.61
N ARG B 46 -10.31 -9.11 17.24
CA ARG B 46 -8.88 -8.86 17.11
C ARG B 46 -8.09 -9.99 17.76
N SER B 47 -6.84 -10.15 17.35
CA SER B 47 -5.95 -11.12 17.97
C SER B 47 -5.52 -10.62 19.35
N TYR B 48 -5.07 -11.55 20.20
CA TYR B 48 -4.56 -11.22 21.53
C TYR B 48 -3.45 -10.17 21.43
N ALA B 49 -2.50 -10.38 20.52
CA ALA B 49 -1.39 -9.45 20.38
C ALA B 49 -1.91 -8.06 20.01
N GLU B 50 -2.80 -7.96 19.03
CA GLU B 50 -3.32 -6.65 18.61
C GLU B 50 -4.01 -5.95 19.78
N ILE B 51 -4.87 -6.69 20.49
CA ILE B 51 -5.66 -6.05 21.52
C ILE B 51 -4.73 -5.60 22.65
N ASN B 52 -3.68 -6.38 22.94
CA ASN B 52 -2.68 -5.99 23.91
C ASN B 52 -1.94 -4.71 23.52
N GLN B 53 -1.73 -4.50 22.22
CA GLN B 53 -1.05 -3.31 21.74
C GLN B 53 -1.93 -2.08 21.90
N LEU B 54 -3.25 -2.26 21.79
CA LEU B 54 -4.17 -1.12 21.75
C LEU B 54 -4.43 -0.61 23.17
N VAL B 55 -4.60 -1.53 24.12
CA VAL B 55 -5.10 -1.12 25.43
C VAL B 55 -4.09 -0.23 26.12
N PRO B 56 -4.51 0.71 27.00
CA PRO B 56 -3.55 1.58 27.68
C PRO B 56 -2.77 0.80 28.74
N LYS B 57 -1.67 1.43 29.18
CA LYS B 57 -0.80 0.90 30.22
C LYS B 57 -1.62 0.64 31.47
N GLY B 58 -1.46 -0.55 32.06
CA GLY B 58 -2.03 -0.84 33.35
C GLY B 58 -3.43 -1.45 33.25
N PHE B 59 -4.02 -1.38 32.05
CA PHE B 59 -5.29 -2.02 31.77
C PHE B 59 -5.21 -3.51 32.10
N THR B 60 -6.12 -3.96 32.96
CA THR B 60 -6.16 -5.35 33.40
C THR B 60 -7.59 -5.90 33.35
N VAL B 61 -7.73 -7.11 32.79
CA VAL B 61 -8.97 -7.88 32.91
C VAL B 61 -8.61 -9.28 33.39
N ASP B 62 -9.66 -10.03 33.81
CA ASP B 62 -9.45 -11.37 34.35
C ASP B 62 -9.15 -12.37 33.25
N GLY B 63 -9.50 -12.03 32.01
CA GLY B 63 -9.24 -12.86 30.85
C GLY B 63 -9.69 -12.19 29.56
N ILE B 64 -9.20 -12.71 28.44
CA ILE B 64 -9.57 -12.21 27.13
C ILE B 64 -9.91 -13.41 26.24
N ILE B 65 -11.01 -13.30 25.51
CA ILE B 65 -11.25 -14.21 24.39
C ILE B 65 -11.04 -13.37 23.15
N SER B 66 -10.20 -13.87 22.26
CA SER B 66 -9.80 -13.13 21.08
C SER B 66 -10.02 -13.99 19.83
N SER B 67 -9.75 -13.36 18.67
CA SER B 67 -9.90 -14.02 17.38
C SER B 67 -11.26 -14.71 17.33
N ASN B 68 -12.31 -13.96 17.73
CA ASN B 68 -13.70 -14.35 17.56
C ASN B 68 -14.03 -15.63 18.33
N GLY B 69 -13.43 -15.80 19.51
CA GLY B 69 -13.77 -16.95 20.37
C GLY B 69 -12.82 -18.12 20.19
N THR B 70 -11.85 -18.01 19.26
CA THR B 70 -10.98 -19.15 18.95
C THR B 70 -9.79 -19.23 19.89
N SER B 71 -9.50 -18.15 20.63
CA SER B 71 -8.40 -18.10 21.59
C SER B 71 -8.89 -17.54 22.93
N GLY B 72 -8.34 -18.09 24.02
CA GLY B 72 -8.57 -17.56 25.34
C GLY B 72 -7.28 -17.48 26.13
N GLU B 73 -7.10 -16.35 26.81
CA GLU B 73 -5.90 -16.02 27.55
C GLU B 73 -6.27 -15.58 28.97
N VAL B 74 -5.56 -16.12 29.94
CA VAL B 74 -5.68 -15.77 31.35
C VAL B 74 -4.28 -15.68 31.95
N LYS B 75 -3.94 -14.51 32.51
CA LYS B 75 -2.61 -14.24 33.05
C LYS B 75 -1.53 -14.56 32.01
N ALA B 76 -1.77 -14.10 30.77
CA ALA B 76 -0.84 -14.21 29.66
C ALA B 76 -0.54 -15.65 29.28
N HIS B 77 -1.36 -16.61 29.73
CA HIS B 77 -1.25 -18.00 29.37
C HIS B 77 -2.47 -18.39 28.53
N ASN B 78 -2.20 -19.11 27.42
CA ASN B 78 -3.28 -19.59 26.57
C ASN B 78 -4.03 -20.71 27.28
N ILE B 79 -5.38 -20.58 27.38
CA ILE B 79 -6.17 -21.66 27.94
C ILE B 79 -6.90 -22.48 26.88
N PHE B 80 -7.10 -21.92 25.68
CA PHE B 80 -7.53 -22.66 24.51
C PHE B 80 -7.14 -21.87 23.24
N ARG B 81 -6.86 -22.63 22.19
CA ARG B 81 -6.52 -22.09 20.89
C ARG B 81 -7.07 -23.01 19.82
N HIS B 82 -8.26 -22.69 19.29
CA HIS B 82 -8.96 -23.61 18.40
C HIS B 82 -8.66 -23.30 16.94
N SER B 83 -7.89 -24.19 16.32
CA SER B 83 -7.38 -24.03 14.96
C SER B 83 -8.21 -24.81 13.94
N LEU B 84 -8.18 -24.29 12.72
CA LEU B 84 -8.50 -25.08 11.54
C LEU B 84 -7.44 -26.18 11.36
N THR B 85 -7.81 -27.27 10.71
CA THR B 85 -6.76 -28.20 10.29
C THR B 85 -5.93 -27.59 9.17
N GLN B 86 -4.64 -27.97 9.08
CA GLN B 86 -3.87 -27.52 7.92
C GLN B 86 -4.52 -27.97 6.62
N GLU B 87 -5.16 -29.13 6.63
CA GLU B 87 -5.78 -29.70 5.44
C GLU B 87 -6.95 -28.84 4.99
N ALA B 88 -7.75 -28.36 5.96
CA ALA B 88 -8.87 -27.47 5.69
C ALA B 88 -8.42 -26.15 5.08
N VAL B 89 -7.35 -25.58 5.62
CA VAL B 89 -6.89 -24.30 5.18
C VAL B 89 -6.47 -24.44 3.72
N ASN B 90 -5.70 -25.49 3.44
CA ASN B 90 -5.19 -25.69 2.11
C ASN B 90 -6.34 -25.88 1.11
N LYS B 91 -7.37 -26.65 1.49
N LYS B 91 -7.36 -26.63 1.51
CA LYS B 91 -8.48 -26.89 0.57
CA LYS B 91 -8.47 -26.89 0.62
C LYS B 91 -9.32 -25.63 0.36
C LYS B 91 -9.30 -25.62 0.36
N ILE B 92 -9.59 -24.88 1.42
CA ILE B 92 -10.40 -23.68 1.30
C ILE B 92 -9.67 -22.67 0.41
N VAL B 93 -8.35 -22.51 0.60
CA VAL B 93 -7.61 -21.53 -0.18
C VAL B 93 -7.57 -21.98 -1.65
N GLN B 94 -7.42 -23.31 -1.87
CA GLN B 94 -7.43 -23.84 -3.22
C GLN B 94 -8.75 -23.52 -3.92
N LEU B 95 -9.88 -23.78 -3.24
CA LEU B 95 -11.18 -23.51 -3.84
C LEU B 95 -11.34 -22.02 -4.15
N ALA B 96 -10.97 -21.17 -3.19
CA ALA B 96 -11.05 -19.73 -3.35
C ALA B 96 -10.28 -19.25 -4.57
N GLN B 97 -9.01 -19.66 -4.63
CA GLN B 97 -8.17 -19.25 -5.75
C GLN B 97 -8.79 -19.62 -7.09
N GLN B 98 -9.33 -20.85 -7.14
CA GLN B 98 -9.83 -21.41 -8.37
C GLN B 98 -11.03 -20.60 -8.85
N GLN B 99 -11.75 -19.99 -7.90
CA GLN B 99 -12.96 -19.25 -8.20
C GLN B 99 -12.76 -17.74 -8.11
N HIS B 100 -11.54 -17.29 -7.87
CA HIS B 100 -11.23 -15.88 -7.71
C HIS B 100 -12.12 -15.26 -6.63
N ILE B 101 -12.22 -15.96 -5.50
CA ILE B 101 -12.81 -15.46 -4.27
CA ILE B 101 -12.81 -15.43 -4.28
C ILE B 101 -11.68 -14.87 -3.44
N TYR B 102 -11.69 -13.55 -3.20
CA TYR B 102 -10.73 -12.87 -2.35
C TYR B 102 -10.70 -13.53 -0.99
N TYR B 103 -9.48 -13.79 -0.48
CA TYR B 103 -9.43 -14.49 0.80
C TYR B 103 -8.32 -13.90 1.66
N GLU B 104 -8.54 -13.95 2.98
CA GLU B 104 -7.53 -13.61 3.97
C GLU B 104 -7.49 -14.74 5.01
N VAL B 105 -6.25 -15.26 5.23
CA VAL B 105 -6.00 -16.36 6.18
C VAL B 105 -5.42 -15.76 7.44
N PHE B 106 -6.07 -16.04 8.59
CA PHE B 106 -5.68 -15.43 9.86
C PHE B 106 -4.96 -16.44 10.75
N PRO B 107 -3.64 -16.26 10.95
CA PRO B 107 -2.93 -17.02 11.97
C PRO B 107 -3.23 -16.42 13.33
N PHE B 108 -2.85 -17.15 14.38
CA PHE B 108 -3.05 -16.64 15.73
C PHE B 108 -2.02 -15.57 16.07
N GLU B 109 -0.83 -15.65 15.44
CA GLU B 109 0.23 -14.67 15.60
C GLU B 109 0.67 -14.19 14.23
N GLY B 110 0.88 -12.88 14.11
CA GLY B 110 1.38 -12.29 12.88
C GLY B 110 0.23 -11.74 12.02
N GLN B 111 0.59 -11.25 10.85
CA GLN B 111 -0.40 -10.64 9.97
C GLN B 111 -1.25 -11.71 9.30
N ARG B 112 -2.49 -11.34 8.95
CA ARG B 112 -3.25 -12.16 8.03
C ARG B 112 -2.46 -12.29 6.72
N LEU B 113 -2.77 -13.33 5.94
CA LEU B 113 -1.96 -13.59 4.77
C LEU B 113 -2.76 -14.14 3.61
N ALA B 114 -2.16 -14.04 2.43
CA ALA B 114 -2.69 -14.61 1.21
C ALA B 114 -1.50 -14.90 0.30
N LEU B 115 -1.71 -15.82 -0.68
CA LEU B 115 -0.62 -16.22 -1.56
C LEU B 115 -0.32 -15.09 -2.52
N GLN B 116 0.98 -14.81 -2.73
CA GLN B 116 1.41 -13.75 -3.66
C GLN B 116 0.88 -13.95 -5.09
N GLN B 117 0.70 -15.19 -5.53
CA GLN B 117 0.19 -15.43 -6.88
C GLN B 117 -1.25 -14.89 -7.06
N ASP B 118 -1.96 -14.62 -5.95
CA ASP B 118 -3.34 -14.14 -5.98
C ASP B 118 -3.43 -12.63 -5.75
N GLU B 119 -2.28 -11.96 -5.56
CA GLU B 119 -2.25 -10.55 -5.20
C GLU B 119 -2.92 -9.68 -6.27
N SER B 120 -2.59 -9.90 -7.54
CA SER B 120 -3.05 -8.94 -8.53
C SER B 120 -4.55 -9.02 -8.73
N TRP B 121 -5.13 -10.24 -8.80
CA TRP B 121 -6.60 -10.31 -8.96
C TRP B 121 -7.33 -9.90 -7.68
N MET B 122 -6.69 -10.06 -6.48
CA MET B 122 -7.33 -9.57 -5.25
C MET B 122 -7.33 -8.05 -5.24
N ARG B 123 -6.23 -7.41 -5.66
CA ARG B 123 -6.20 -5.94 -5.70
C ARG B 123 -7.19 -5.40 -6.72
N GLY B 124 -7.27 -6.12 -7.86
CA GLY B 124 -8.21 -5.82 -8.93
C GLY B 124 -9.66 -5.75 -8.45
N MET B 125 -10.01 -6.65 -7.54
N MET B 125 -9.98 -6.67 -7.55
CA MET B 125 -11.40 -6.79 -7.13
CA MET B 125 -11.34 -6.82 -7.07
C MET B 125 -11.91 -5.60 -6.31
C MET B 125 -11.88 -5.55 -6.39
N VAL B 126 -11.06 -4.81 -5.64
CA VAL B 126 -11.50 -3.59 -4.95
C VAL B 126 -10.74 -2.34 -5.42
N ARG B 127 -10.45 -2.29 -6.73
CA ARG B 127 -9.62 -1.26 -7.33
C ARG B 127 -10.22 0.14 -7.18
N GLU B 128 -11.54 0.20 -7.42
CA GLU B 128 -12.27 1.46 -7.46
C GLU B 128 -12.31 2.08 -6.07
N GLU B 129 -12.32 3.41 -6.03
CA GLU B 129 -12.51 4.13 -4.78
C GLU B 129 -13.95 3.95 -4.28
N GLU B 130 -14.96 4.15 -5.16
CA GLU B 130 -16.35 4.02 -4.79
C GLU B 130 -16.69 2.53 -4.66
N PRO B 131 -17.48 2.13 -3.65
CA PRO B 131 -17.92 0.75 -3.53
C PRO B 131 -18.67 0.27 -4.76
N GLN B 132 -18.42 -0.96 -5.16
CA GLN B 132 -18.93 -1.52 -6.39
C GLN B 132 -20.01 -2.55 -6.03
N ASN B 133 -20.98 -2.67 -6.92
CA ASN B 133 -21.90 -3.79 -6.96
C ASN B 133 -22.69 -3.99 -5.66
N ASN B 134 -23.04 -2.87 -5.02
CA ASN B 134 -23.85 -2.83 -3.80
C ASN B 134 -23.11 -3.21 -2.52
N VAL B 135 -21.79 -3.45 -2.60
CA VAL B 135 -21.05 -3.69 -1.38
C VAL B 135 -21.13 -2.46 -0.49
N GLY B 136 -21.23 -2.68 0.82
CA GLY B 136 -21.30 -1.63 1.81
C GLY B 136 -19.98 -0.88 1.92
N ILE B 137 -20.11 0.39 2.31
CA ILE B 137 -19.00 1.33 2.44
C ILE B 137 -17.96 0.73 3.40
N SER B 138 -18.45 0.16 4.51
CA SER B 138 -17.55 -0.28 5.56
C SER B 138 -16.67 -1.45 5.10
N GLU B 139 -17.30 -2.44 4.47
CA GLU B 139 -16.58 -3.62 4.00
C GLU B 139 -15.62 -3.23 2.86
N TRP B 140 -16.06 -2.34 1.98
CA TRP B 140 -15.21 -1.86 0.90
C TRP B 140 -13.93 -1.23 1.43
N ARG B 141 -14.09 -0.29 2.36
CA ARG B 141 -12.97 0.38 2.98
C ARG B 141 -12.06 -0.63 3.70
N SER B 142 -12.67 -1.62 4.37
CA SER B 142 -11.87 -2.61 5.08
C SER B 142 -10.98 -3.35 4.10
N ARG B 143 -11.53 -3.73 2.94
CA ARG B 143 -10.68 -4.43 1.97
C ARG B 143 -9.55 -3.53 1.44
N LYS B 144 -9.89 -2.27 1.16
CA LYS B 144 -8.88 -1.36 0.64
C LYS B 144 -7.75 -1.14 1.66
N ASP B 145 -8.15 -0.97 2.90
CA ASP B 145 -7.20 -0.82 4.01
C ASP B 145 -6.33 -2.08 4.18
N ALA B 146 -6.90 -3.26 4.02
CA ALA B 146 -6.16 -4.50 4.19
C ALA B 146 -5.12 -4.65 3.08
N LEU B 147 -5.53 -4.35 1.85
CA LEU B 147 -4.59 -4.44 0.73
C LEU B 147 -3.43 -3.43 0.83
N LYS B 148 -3.67 -2.33 1.53
CA LYS B 148 -2.70 -1.24 1.65
C LYS B 148 -1.54 -1.67 2.54
N GLY B 149 -1.77 -2.45 3.59
CA GLY B 149 -0.66 -2.79 4.46
C GLY B 149 -0.88 -3.88 5.50
N LYS B 150 -1.99 -4.60 5.47
CA LYS B 150 -2.28 -5.59 6.52
C LYS B 150 -2.06 -7.02 6.11
N ILE B 151 -1.94 -7.28 4.81
CA ILE B 151 -1.72 -8.62 4.31
C ILE B 151 -0.22 -8.91 4.09
N ASN B 152 0.21 -10.05 4.61
CA ASN B 152 1.51 -10.65 4.34
C ASN B 152 1.34 -11.59 3.14
N TRP B 153 1.84 -11.14 2.01
CA TRP B 153 1.82 -11.89 0.78
C TRP B 153 2.91 -12.94 0.82
N VAL B 154 2.51 -14.23 0.85
CA VAL B 154 3.45 -15.31 1.01
C VAL B 154 3.53 -16.14 -0.27
N LYS B 155 4.69 -16.79 -0.49
CA LYS B 155 4.88 -17.62 -1.66
C LYS B 155 4.13 -18.93 -1.50
N THR B 156 4.09 -19.44 -0.25
CA THR B 156 3.47 -20.70 0.10
C THR B 156 2.89 -20.47 1.48
N LEU B 157 1.78 -21.16 1.81
CA LEU B 157 1.17 -20.99 3.11
C LEU B 157 2.09 -21.51 4.20
N PRO B 158 2.33 -20.71 5.25
CA PRO B 158 3.03 -21.18 6.42
C PRO B 158 2.23 -22.30 7.12
N GLU B 159 2.98 -23.25 7.66
CA GLU B 159 2.42 -24.22 8.59
C GLU B 159 2.37 -23.64 9.99
N THR B 160 1.19 -23.17 10.38
CA THR B 160 1.02 -22.60 11.69
C THR B 160 -0.44 -22.79 12.10
N SER B 161 -0.78 -22.54 13.35
CA SER B 161 -2.15 -22.64 13.76
C SER B 161 -2.93 -21.48 13.15
N TYR B 162 -4.17 -21.75 12.71
CA TYR B 162 -4.93 -20.77 11.96
C TYR B 162 -6.31 -20.62 12.60
N SER B 163 -6.67 -19.35 12.83
CA SER B 163 -7.94 -19.01 13.48
C SER B 163 -9.12 -19.10 12.52
N LYS B 164 -8.97 -18.46 11.36
CA LYS B 164 -10.08 -18.29 10.44
C LYS B 164 -9.62 -17.93 9.05
N ILE B 165 -10.56 -18.05 8.11
CA ILE B 165 -10.38 -17.53 6.78
C ILE B 165 -11.58 -16.66 6.45
N TYR B 166 -11.33 -15.46 5.90
CA TYR B 166 -12.37 -14.57 5.38
C TYR B 166 -12.37 -14.66 3.87
N LEU B 167 -13.59 -14.63 3.29
CA LEU B 167 -13.83 -14.84 1.88
C LEU B 167 -14.77 -13.72 1.45
N PHE B 168 -14.46 -13.14 0.28
CA PHE B 168 -15.20 -12.01 -0.23
C PHE B 168 -15.21 -12.01 -1.76
N THR B 169 -16.35 -11.58 -2.36
CA THR B 169 -16.30 -11.09 -3.72
C THR B 169 -17.45 -10.17 -3.97
N THR B 170 -17.28 -9.34 -5.00
CA THR B 170 -18.33 -8.46 -5.47
C THR B 170 -19.36 -9.18 -6.34
N ASP B 171 -19.13 -10.46 -6.72
CA ASP B 171 -20.05 -11.23 -7.54
C ASP B 171 -20.97 -12.03 -6.61
N LEU B 172 -22.19 -11.51 -6.42
CA LEU B 172 -23.10 -12.05 -5.43
C LEU B 172 -23.41 -13.53 -5.70
N ALA B 173 -23.71 -13.89 -6.95
CA ALA B 173 -24.00 -15.31 -7.25
C ALA B 173 -22.84 -16.20 -6.84
N GLN B 174 -21.62 -15.74 -7.12
CA GLN B 174 -20.44 -16.54 -6.86
C GLN B 174 -20.26 -16.76 -5.35
N ILE B 175 -20.37 -15.70 -4.54
CA ILE B 175 -20.11 -15.85 -3.11
C ILE B 175 -21.24 -16.68 -2.50
N THR B 176 -22.47 -16.50 -2.99
CA THR B 176 -23.58 -17.26 -2.43
C THR B 176 -23.30 -18.74 -2.60
N GLN B 177 -22.88 -19.10 -3.81
CA GLN B 177 -22.56 -20.47 -4.14
C GLN B 177 -21.36 -20.97 -3.35
N PHE B 178 -20.34 -20.14 -3.21
CA PHE B 178 -19.13 -20.56 -2.55
C PHE B 178 -19.36 -20.80 -1.05
N ARG B 179 -20.09 -19.85 -0.43
CA ARG B 179 -20.49 -20.00 0.97
C ARG B 179 -21.26 -21.31 1.14
N GLN B 180 -22.17 -21.58 0.21
CA GLN B 180 -22.95 -22.82 0.32
C GLN B 180 -22.08 -24.08 0.18
N SER B 181 -21.13 -24.06 -0.77
N SER B 181 -21.13 -24.05 -0.76
CA SER B 181 -20.14 -25.12 -0.92
CA SER B 181 -20.15 -25.10 -0.93
C SER B 181 -19.37 -25.36 0.38
C SER B 181 -19.38 -25.35 0.38
N LEU B 182 -19.08 -24.31 1.16
CA LEU B 182 -18.38 -24.50 2.45
C LEU B 182 -19.32 -25.14 3.47
N ILE B 183 -20.55 -24.66 3.56
CA ILE B 183 -21.56 -25.25 4.40
C ILE B 183 -21.71 -26.73 4.06
N ASP B 184 -21.75 -27.07 2.77
CA ASP B 184 -21.93 -28.45 2.33
C ASP B 184 -20.81 -29.33 2.86
N GLN B 185 -19.65 -28.72 3.14
CA GLN B 185 -18.44 -29.42 3.59
C GLN B 185 -18.18 -29.15 5.06
N GLN B 186 -19.16 -28.66 5.83
CA GLN B 186 -19.01 -28.30 7.23
C GLN B 186 -18.43 -29.51 8.00
N LEU B 187 -19.01 -30.68 7.77
CA LEU B 187 -18.66 -31.84 8.56
C LEU B 187 -17.42 -32.52 7.99
N SER B 188 -17.19 -32.47 6.67
CA SER B 188 -15.99 -33.04 6.08
C SER B 188 -14.75 -32.26 6.46
N LEU B 189 -14.83 -30.94 6.54
CA LEU B 189 -13.69 -30.13 6.84
C LEU B 189 -13.63 -29.77 8.31
N ASN B 190 -14.72 -30.07 9.05
CA ASN B 190 -14.84 -29.73 10.46
C ASN B 190 -14.75 -28.22 10.72
N ILE B 191 -15.68 -27.48 10.12
CA ILE B 191 -15.70 -26.03 10.14
C ILE B 191 -17.11 -25.54 10.42
N SER B 192 -17.18 -24.34 10.97
CA SER B 192 -18.42 -23.61 10.99
C SER B 192 -18.28 -22.40 10.09
N VAL B 193 -19.38 -22.10 9.42
CA VAL B 193 -19.44 -21.07 8.42
C VAL B 193 -20.33 -19.95 8.93
N SER B 194 -19.82 -18.73 8.90
CA SER B 194 -20.57 -17.56 9.29
C SER B 194 -20.44 -16.51 8.18
N ASN B 195 -21.25 -15.44 8.28
CA ASN B 195 -21.06 -14.33 7.35
C ASN B 195 -21.63 -13.07 8.02
N SER B 196 -21.05 -11.93 7.71
CA SER B 196 -21.48 -10.64 8.25
C SER B 196 -22.10 -9.75 7.16
N SER B 197 -21.93 -10.12 5.89
CA SER B 197 -22.62 -9.48 4.78
C SER B 197 -22.96 -10.56 3.77
N ARG B 198 -23.76 -10.18 2.77
CA ARG B 198 -24.06 -11.10 1.71
C ARG B 198 -22.90 -11.27 0.73
N PHE B 199 -21.82 -10.52 0.91
CA PHE B 199 -20.67 -10.66 0.03
C PHE B 199 -19.52 -11.46 0.63
N ASN B 200 -19.74 -12.05 1.83
CA ASN B 200 -18.64 -12.69 2.49
C ASN B 200 -19.00 -14.01 3.16
N ALA B 201 -17.94 -14.62 3.70
CA ALA B 201 -18.04 -15.80 4.53
C ALA B 201 -16.77 -15.89 5.37
N GLU B 202 -16.92 -16.51 6.54
CA GLU B 202 -15.78 -16.83 7.37
C GLU B 202 -15.90 -18.28 7.82
N THR B 203 -14.74 -18.95 7.86
CA THR B 203 -14.66 -20.35 8.25
C THR B 203 -13.72 -20.44 9.45
N MET B 204 -14.23 -21.02 10.53
CA MET B 204 -13.47 -21.32 11.73
C MET B 204 -13.76 -22.78 12.16
N ALA B 205 -13.01 -23.27 13.17
CA ALA B 205 -13.21 -24.64 13.67
C ALA B 205 -14.68 -24.87 14.01
N TYR B 206 -15.18 -26.08 13.73
CA TYR B 206 -16.59 -26.42 13.92
C TYR B 206 -17.04 -26.15 15.35
N GLY B 207 -18.16 -25.45 15.53
CA GLY B 207 -18.72 -25.25 16.86
C GLY B 207 -18.07 -24.15 17.69
N VAL B 208 -17.11 -23.42 17.06
CA VAL B 208 -16.34 -22.41 17.74
C VAL B 208 -16.78 -21.05 17.26
N ASP B 209 -17.05 -20.19 18.25
CA ASP B 209 -17.48 -18.81 18.00
C ASP B 209 -17.37 -18.01 19.31
N LYS B 210 -17.78 -16.73 19.32
CA LYS B 210 -17.66 -15.94 20.54
C LYS B 210 -18.38 -16.63 21.70
N GLY B 211 -19.53 -17.25 21.40
CA GLY B 211 -20.32 -17.89 22.43
C GLY B 211 -19.58 -19.03 23.11
N SER B 212 -18.97 -19.92 22.30
CA SER B 212 -18.20 -21.04 22.83
C SER B 212 -17.02 -20.51 23.63
N GLY B 213 -16.40 -19.43 23.15
CA GLY B 213 -15.30 -18.81 23.86
C GLY B 213 -15.68 -18.28 25.25
N ILE B 214 -16.81 -17.57 25.32
CA ILE B 214 -17.37 -17.13 26.60
C ILE B 214 -17.64 -18.34 27.51
N ALA B 215 -18.24 -19.42 26.99
CA ALA B 215 -18.56 -20.57 27.83
C ALA B 215 -17.28 -21.18 28.40
N GLU B 216 -16.23 -21.28 27.57
CA GLU B 216 -14.97 -21.86 28.00
C GLU B 216 -14.33 -20.96 29.05
N MET B 217 -14.39 -19.64 28.87
CA MET B 217 -13.74 -18.74 29.81
C MET B 217 -14.48 -18.78 31.15
N ILE B 218 -15.82 -18.71 31.17
CA ILE B 218 -16.51 -18.70 32.47
C ILE B 218 -16.32 -20.07 33.13
N ALA B 219 -16.31 -21.16 32.37
CA ALA B 219 -16.11 -22.48 32.96
C ALA B 219 -14.77 -22.55 33.68
N HIS B 220 -13.75 -21.92 33.12
CA HIS B 220 -12.43 -21.88 33.74
C HIS B 220 -12.48 -21.23 35.12
N PHE B 221 -13.37 -20.23 35.30
CA PHE B 221 -13.53 -19.54 36.57
C PHE B 221 -14.66 -20.11 37.43
N GLY B 222 -15.32 -21.20 36.99
CA GLY B 222 -16.39 -21.78 37.79
C GLY B 222 -17.63 -20.88 37.87
N ILE B 223 -17.89 -20.11 36.82
CA ILE B 223 -19.05 -19.23 36.73
C ILE B 223 -20.01 -19.79 35.70
N GLN B 224 -21.32 -19.73 36.02
CA GLN B 224 -22.39 -20.24 35.17
C GLN B 224 -22.85 -19.20 34.15
N GLN B 225 -23.47 -19.67 33.07
CA GLN B 225 -23.98 -18.78 32.03
C GLN B 225 -24.98 -17.78 32.62
N GLN B 226 -25.85 -18.22 33.51
CA GLN B 226 -26.87 -17.32 34.04
C GLN B 226 -26.25 -16.31 35.01
N GLU B 227 -24.98 -16.49 35.38
CA GLU B 227 -24.27 -15.53 36.20
C GLU B 227 -23.39 -14.59 35.35
N THR B 228 -23.59 -14.62 34.03
CA THR B 228 -22.72 -13.90 33.10
C THR B 228 -23.52 -12.85 32.34
N LEU B 229 -22.98 -11.61 32.29
CA LEU B 229 -23.58 -10.53 31.49
C LEU B 229 -22.65 -10.23 30.32
N VAL B 230 -23.21 -10.19 29.10
CA VAL B 230 -22.46 -9.91 27.89
C VAL B 230 -22.98 -8.61 27.27
N ILE B 231 -22.10 -7.62 27.05
CA ILE B 231 -22.49 -6.33 26.51
C ILE B 231 -21.48 -5.86 25.48
N GLY B 232 -21.90 -4.95 24.58
CA GLY B 232 -21.00 -4.39 23.58
C GLY B 232 -21.41 -4.80 22.16
N ASP B 233 -20.44 -4.79 21.25
CA ASP B 233 -20.60 -5.23 19.86
C ASP B 233 -20.97 -6.73 19.85
C1 PEG C . 26.58 30.82 -4.29
C1 PEG C . 26.43 31.22 -4.36
O1 PEG C . 25.42 30.13 -3.82
O1 PEG C . 26.41 30.03 -3.56
C2 PEG C . 26.24 32.07 -5.02
C2 PEG C . 27.80 31.57 -4.84
O2 PEG C . 27.09 32.25 -6.15
O2 PEG C . 27.75 32.03 -6.19
C3 PEG C . 28.28 32.97 -5.83
C3 PEG C . 27.50 33.42 -6.32
C4 PEG C . 28.75 33.76 -7.04
C4 PEG C . 28.50 34.07 -7.24
O4 PEG C . 28.15 35.06 -7.10
O4 PEG C . 29.50 33.16 -7.70
C1 EDO D . 7.35 28.90 -10.31
O1 EDO D . 5.93 29.04 -10.54
C2 EDO D . 8.07 30.09 -9.71
O2 EDO D . 8.30 31.27 -10.58
C1 OXM E . 11.15 6.61 -7.64
N1 OXM E . 12.48 6.60 -7.72
O1 OXM E . 10.43 5.73 -8.15
C2 OXM E . 10.57 7.69 -6.73
O2 OXM E . 9.46 8.03 -6.96
O3 OXM E . 11.33 8.16 -5.87
C FMT F . 13.91 4.64 -9.40
O1 FMT F . 14.76 5.27 -10.00
O2 FMT F . 12.58 4.86 -9.54
C1 EDO G . -3.65 11.93 -16.28
O1 EDO G . -3.10 12.98 -15.54
C2 EDO G . -3.31 10.72 -15.53
O2 EDO G . -3.31 9.61 -16.34
C1 EDO H . -5.85 -11.28 31.36
O1 EDO H . -5.62 -12.28 32.42
C2 EDO H . -5.29 -11.54 29.97
O2 EDO H . -3.99 -12.16 29.91
C1 OXM I . -11.04 -5.87 8.75
N1 OXM I . -12.35 -5.79 8.86
O1 OXM I . -10.44 -6.31 7.74
C2 OXM I . -10.29 -5.28 9.92
O2 OXM I . -9.21 -5.69 10.12
O3 OXM I . -10.84 -4.33 10.49
C1 EDO J . -15.67 -7.32 7.39
O1 EDO J . -16.75 -6.44 7.02
C2 EDO J . -14.41 -6.73 6.88
O2 EDO J . -13.16 -7.42 7.08
C1 EDO K . -23.76 -18.97 6.80
O1 EDO K . -22.90 -17.96 7.26
C2 EDO K . -24.61 -19.48 7.88
O2 EDO K . -25.10 -18.43 8.70
#